data_5H3Q
#
_entry.id   5H3Q
#
_cell.length_a   140.845
_cell.length_b   157.195
_cell.length_c   52.306
_cell.angle_alpha   90.000
_cell.angle_beta   90.000
_cell.angle_gamma   90.000
#
_symmetry.space_group_name_H-M   'C 2 2 2'
#
loop_
_entity.id
_entity.type
_entity.pdbx_description
1 polymer 'High affinity nerve growth factor receptor'
2 non-polymer 1-[(3S,4R)-4-[3,4-bis(fluoranyl)phenyl]-1-(2-methoxyethyl)pyrrolidin-3-yl]-3-(5-ethoxy-4-methyl-2-phenyl-pyrazol-3-yl)urea
3 non-polymer 2,3-DIHYDROXY-1,4-DITHIOBUTANE
4 non-polymer 'SODIUM ION'
5 water water
#
_entity_poly.entity_id   1
_entity_poly.type   'polypeptide(L)'
_entity_poly.pdbx_seq_one_letter_code
;GSSLSPTEGKGSGLQGHIIENPQYFSDACVHHIKRRDIVLKWELGEGAFGKVFLAECHNLLPEQDKMLVAVKALKEASES
ARQDFQREAELLTMLQHQHIVRFFGVCTEGRPLLMVFEYMRHGDLNRFLRSHGPDAKLLAGGEDVAPGPLGLGQLLAVAS
QVAAGMVYLAGLHFVHRDLATRNCLVGQGLVVKIGDFGMSRDIYSTDYYRVGGRTMLPIRWMPPESILYRKFTTESDVWS
FGVVLWEIFTYGKQPWYQLSNTEAIDCITQGRELERPRACPPEVYAIMRGCWQREPQQRHSIKDVHARLQALAQAPPVYL
DVLG
;
_entity_poly.pdbx_strand_id   A
#
# COMPACT_ATOMS: atom_id res chain seq x y z
N SER A 12 3.47 -18.49 -7.73
CA SER A 12 2.71 -18.64 -6.44
C SER A 12 1.24 -18.35 -6.71
N GLY A 13 0.99 -17.16 -7.26
CA GLY A 13 -0.34 -16.69 -7.60
C GLY A 13 -0.84 -15.69 -6.58
N LEU A 14 -0.02 -15.30 -5.60
CA LEU A 14 -0.50 -14.43 -4.52
C LEU A 14 -0.38 -12.92 -4.87
N GLN A 15 -1.52 -12.28 -5.07
CA GLN A 15 -1.53 -10.91 -5.44
C GLN A 15 -0.93 -10.03 -4.29
N GLY A 16 0.01 -9.19 -4.68
CA GLY A 16 0.72 -8.30 -3.69
C GLY A 16 2.08 -8.80 -3.28
N HIS A 17 2.35 -10.08 -3.58
CA HIS A 17 3.64 -10.70 -3.36
C HIS A 17 4.62 -10.25 -4.42
N ILE A 18 5.69 -9.61 -3.94
CA ILE A 18 6.67 -8.99 -4.79
C ILE A 18 7.26 -9.98 -5.80
N ILE A 19 7.40 -11.25 -5.42
CA ILE A 19 8.00 -12.22 -6.33
C ILE A 19 7.11 -12.62 -7.47
N GLU A 20 5.88 -12.15 -7.56
CA GLU A 20 5.09 -12.37 -8.79
C GLU A 20 5.63 -11.50 -9.94
N ASN A 21 6.58 -10.58 -9.72
CA ASN A 21 7.11 -9.77 -10.77
C ASN A 21 8.33 -10.42 -11.37
N PRO A 22 8.70 -10.02 -12.60
CA PRO A 22 9.88 -10.62 -13.22
C PRO A 22 11.18 -10.07 -12.64
N GLN A 23 12.19 -10.93 -12.54
CA GLN A 23 13.52 -10.51 -12.16
C GLN A 23 14.39 -10.27 -13.37
N TYR A 24 14.71 -9.01 -13.63
CA TYR A 24 15.61 -8.61 -14.71
C TYR A 24 17.10 -8.66 -14.35
N PHE A 25 17.49 -8.35 -13.12
CA PHE A 25 18.89 -8.30 -12.77
C PHE A 25 19.08 -9.43 -11.78
N SER A 26 19.41 -10.59 -12.30
CA SER A 26 19.66 -11.76 -11.49
C SER A 26 20.96 -11.66 -10.71
N ASP A 27 21.86 -10.74 -11.05
CA ASP A 27 23.03 -10.54 -10.20
C ASP A 27 22.94 -9.34 -9.31
N ALA A 28 21.82 -8.63 -9.19
CA ALA A 28 21.80 -7.48 -8.22
C ALA A 28 22.28 -7.98 -6.82
N CYS A 29 23.17 -7.22 -6.17
CA CYS A 29 23.74 -7.70 -4.94
C CYS A 29 22.68 -7.38 -3.82
N VAL A 30 22.70 -8.11 -2.73
CA VAL A 30 21.84 -7.95 -1.59
C VAL A 30 22.76 -7.68 -0.44
N HIS A 31 22.50 -6.64 0.34
CA HIS A 31 23.30 -6.32 1.48
C HIS A 31 23.00 -7.34 2.63
N HIS A 32 24.04 -7.89 3.23
CA HIS A 32 23.99 -8.84 4.31
C HIS A 32 24.44 -8.10 5.54
N ILE A 33 23.66 -8.20 6.58
CA ILE A 33 23.91 -7.49 7.80
C ILE A 33 24.37 -8.55 8.81
N LYS A 34 25.39 -8.21 9.58
CA LYS A 34 25.91 -9.14 10.62
C LYS A 34 24.98 -9.17 11.86
N ARG A 35 24.89 -10.35 12.43
CA ARG A 35 24.17 -10.54 13.69
C ARG A 35 24.57 -9.52 14.79
N ARG A 36 25.86 -9.28 14.93
CA ARG A 36 26.27 -8.36 15.97
C ARG A 36 25.79 -6.93 15.71
N ASP A 37 25.25 -6.60 14.53
CA ASP A 37 24.79 -5.25 14.24
C ASP A 37 23.28 -5.13 14.51
N ILE A 38 22.58 -6.19 14.96
CA ILE A 38 21.15 -6.14 15.14
C ILE A 38 20.75 -6.54 16.50
N VAL A 39 19.86 -5.80 17.09
CA VAL A 39 19.40 -6.12 18.41
C VAL A 39 17.89 -6.08 18.38
N LEU A 40 17.27 -7.26 18.55
CA LEU A 40 15.87 -7.36 18.60
C LEU A 40 15.38 -6.74 19.88
N LYS A 41 14.29 -5.97 19.81
CA LYS A 41 13.76 -5.36 21.04
C LYS A 41 12.53 -6.03 21.43
N TRP A 42 11.53 -6.08 20.54
CA TRP A 42 10.32 -6.79 20.81
C TRP A 42 9.47 -6.93 19.54
N GLU A 43 8.53 -7.84 19.62
CA GLU A 43 7.57 -8.06 18.63
C GLU A 43 6.59 -6.89 18.52
N LEU A 44 6.21 -6.56 17.27
CA LEU A 44 5.17 -5.58 16.94
C LEU A 44 3.91 -6.32 16.37
N GLY A 45 4.09 -7.45 15.69
CA GLY A 45 3.02 -8.24 15.04
C GLY A 45 3.43 -9.66 14.50
N GLU A 46 2.43 -10.35 13.92
CA GLU A 46 2.59 -11.76 13.46
C GLU A 46 1.56 -12.31 12.42
N GLY A 47 2.03 -12.86 11.28
CA GLY A 47 1.19 -13.71 10.37
C GLY A 47 1.67 -15.14 10.05
N ALA A 48 0.93 -15.79 9.15
CA ALA A 48 1.21 -17.12 8.60
C ALA A 48 2.66 -17.32 8.21
N PHE A 49 3.30 -16.28 7.65
CA PHE A 49 4.62 -16.41 6.99
C PHE A 49 5.75 -15.74 7.74
N GLY A 50 5.45 -15.22 8.94
CA GLY A 50 6.48 -14.46 9.74
C GLY A 50 6.04 -13.58 10.93
N LYS A 51 7.02 -13.07 11.64
CA LYS A 51 6.89 -12.25 12.86
C LYS A 51 7.58 -10.96 12.49
N VAL A 52 7.05 -9.83 12.96
CA VAL A 52 7.68 -8.55 12.80
C VAL A 52 8.18 -8.07 14.15
N PHE A 53 9.41 -7.62 14.17
CA PHE A 53 10.05 -7.12 15.42
C PHE A 53 10.56 -5.70 15.20
N LEU A 54 10.52 -4.91 16.25
CA LEU A 54 11.34 -3.67 16.32
C LEU A 54 12.70 -4.08 16.72
N ALA A 55 13.69 -3.52 16.04
CA ALA A 55 15.07 -3.72 16.33
C ALA A 55 15.89 -2.45 16.22
N GLU A 56 17.10 -2.48 16.80
CA GLU A 56 18.11 -1.47 16.59
C GLU A 56 19.18 -2.02 15.66
N CYS A 57 19.59 -1.22 14.68
CA CYS A 57 20.51 -1.67 13.61
C CYS A 57 21.64 -0.70 13.80
N HIS A 58 22.86 -1.23 13.83
CA HIS A 58 24.10 -0.45 13.98
C HIS A 58 25.00 -0.63 12.70
N ASN A 59 25.41 0.49 12.06
CA ASN A 59 26.61 0.59 11.15
C ASN A 59 27.05 -0.70 10.42
N LYS A 66 22.40 2.86 16.37
CA LYS A 66 22.25 4.12 15.63
C LYS A 66 20.76 4.34 15.23
N MET A 67 20.09 3.33 14.64
CA MET A 67 18.65 3.47 14.20
C MET A 67 17.69 2.30 14.41
N LEU A 68 16.44 2.67 14.66
CA LEU A 68 15.31 1.73 14.71
C LEU A 68 14.94 1.20 13.34
N VAL A 69 14.68 -0.12 13.31
CA VAL A 69 14.23 -0.84 12.11
C VAL A 69 13.12 -1.82 12.45
N ALA A 70 12.35 -2.21 11.45
CA ALA A 70 11.31 -3.25 11.54
C ALA A 70 11.92 -4.41 10.78
N VAL A 71 11.97 -5.57 11.44
CA VAL A 71 12.56 -6.74 10.86
C VAL A 71 11.51 -7.78 10.72
N LYS A 72 11.55 -8.46 9.59
CA LYS A 72 10.57 -9.51 9.31
C LYS A 72 11.34 -10.84 9.43
N ALA A 73 10.91 -11.68 10.35
CA ALA A 73 11.59 -12.99 10.62
C ALA A 73 10.94 -14.08 9.75
N LEU A 74 11.72 -14.90 9.02
CA LEU A 74 11.16 -16.00 8.23
C LEU A 74 10.62 -17.15 9.09
N LYS A 75 9.39 -17.64 8.86
CA LYS A 75 8.86 -18.84 9.58
C LYS A 75 9.12 -20.03 8.65
N GLU A 76 9.99 -20.98 9.05
CA GLU A 76 10.32 -22.26 8.31
C GLU A 76 11.81 -22.44 8.05
N ALA A 81 10.58 -21.90 0.80
CA ALA A 81 10.44 -20.75 1.71
C ALA A 81 11.70 -20.00 1.63
N ARG A 82 12.81 -20.74 1.74
CA ARG A 82 14.14 -20.16 1.71
C ARG A 82 14.44 -19.63 0.32
N GLN A 83 13.91 -20.25 -0.71
CA GLN A 83 14.16 -19.74 -2.05
C GLN A 83 13.31 -18.51 -2.38
N ASP A 84 12.06 -18.52 -1.89
CA ASP A 84 11.17 -17.34 -1.89
C ASP A 84 11.83 -16.17 -1.18
N PHE A 85 12.35 -16.45 0.00
CA PHE A 85 13.13 -15.49 0.80
C PHE A 85 14.21 -14.83 -0.04
N GLN A 86 15.01 -15.62 -0.71
CA GLN A 86 16.11 -15.09 -1.54
C GLN A 86 15.65 -14.29 -2.73
N ARG A 87 14.60 -14.81 -3.37
CA ARG A 87 14.00 -14.09 -4.48
C ARG A 87 13.37 -12.68 -4.05
N GLU A 88 12.65 -12.70 -2.93
CA GLU A 88 12.15 -11.50 -2.31
C GLU A 88 13.27 -10.48 -2.01
N ALA A 89 14.37 -10.94 -1.39
CA ALA A 89 15.49 -9.98 -1.12
C ALA A 89 16.10 -9.42 -2.39
N GLU A 90 16.26 -10.25 -3.42
CA GLU A 90 16.85 -9.77 -4.72
C GLU A 90 16.01 -8.75 -5.49
N LEU A 91 14.68 -8.90 -5.40
CA LEU A 91 13.76 -7.88 -5.89
C LEU A 91 13.64 -6.70 -5.03
N LEU A 92 13.55 -6.92 -3.72
CA LEU A 92 13.46 -5.77 -2.81
C LEU A 92 14.69 -4.87 -2.84
N THR A 93 15.88 -5.44 -3.13
CA THR A 93 17.09 -4.53 -3.36
C THR A 93 16.95 -3.61 -4.57
N MET A 94 16.11 -3.97 -5.51
CA MET A 94 15.82 -3.07 -6.64
C MET A 94 14.97 -1.88 -6.25
N LEU A 95 14.05 -2.01 -5.29
CA LEU A 95 13.13 -0.90 -4.90
C LEU A 95 13.71 0.12 -3.95
N GLN A 96 14.21 1.23 -4.50
CA GLN A 96 14.77 2.29 -3.67
C GLN A 96 14.06 3.58 -4.06
N HIS A 97 13.16 4.07 -3.23
CA HIS A 97 12.35 5.24 -3.59
C HIS A 97 11.77 5.77 -2.30
N GLN A 98 11.70 7.08 -2.20
CA GLN A 98 11.12 7.79 -1.07
C GLN A 98 9.76 7.24 -0.68
N HIS A 99 8.95 6.80 -1.64
CA HIS A 99 7.59 6.29 -1.39
C HIS A 99 7.40 4.80 -1.51
N ILE A 100 8.51 4.05 -1.42
CA ILE A 100 8.46 2.61 -1.14
C ILE A 100 9.17 2.34 0.19
N VAL A 101 8.56 1.60 1.12
CA VAL A 101 9.18 1.29 2.40
C VAL A 101 10.58 0.67 2.12
N ARG A 102 11.66 1.27 2.63
CA ARG A 102 13.01 0.87 2.26
C ARG A 102 13.52 -0.47 2.89
N PHE A 103 14.19 -1.25 2.09
CA PHE A 103 14.75 -2.53 2.42
C PHE A 103 16.21 -2.30 2.55
N PHE A 104 16.75 -2.57 3.73
CA PHE A 104 18.17 -2.37 4.00
C PHE A 104 19.01 -3.64 3.81
N GLY A 105 18.42 -4.83 3.75
CA GLY A 105 19.20 -6.04 3.61
C GLY A 105 18.66 -7.19 4.43
N VAL A 106 19.45 -8.25 4.44
CA VAL A 106 19.17 -9.48 5.12
C VAL A 106 20.21 -9.79 6.22
N CYS A 107 19.76 -10.54 7.22
CA CYS A 107 20.64 -11.12 8.24
C CYS A 107 20.33 -12.62 8.21
N THR A 108 21.25 -13.40 7.63
CA THR A 108 21.14 -14.81 7.50
C THR A 108 22.21 -15.57 8.30
N GLU A 109 22.91 -14.97 9.24
CA GLU A 109 23.86 -15.74 10.06
C GLU A 109 23.21 -16.07 11.41
N GLY A 110 22.59 -17.23 11.52
CA GLY A 110 21.69 -17.55 12.65
C GLY A 110 20.21 -17.66 12.32
N ARG A 111 19.39 -17.71 13.38
CA ARG A 111 17.96 -17.78 13.22
C ARG A 111 17.40 -16.79 14.21
N PRO A 112 16.22 -16.23 13.89
CA PRO A 112 15.56 -16.34 12.58
C PRO A 112 16.32 -15.61 11.45
N LEU A 113 16.13 -16.05 10.21
CA LEU A 113 16.46 -15.22 9.04
C LEU A 113 15.57 -13.97 9.06
N LEU A 114 16.23 -12.84 8.89
CA LEU A 114 15.59 -11.52 8.87
C LEU A 114 15.74 -10.82 7.53
N MET A 115 14.70 -10.08 7.23
N MET A 115 14.70 -10.07 7.25
CA MET A 115 14.76 -8.98 6.27
CA MET A 115 14.66 -9.00 6.25
C MET A 115 14.54 -7.71 7.06
C MET A 115 14.50 -7.70 7.03
N VAL A 116 15.35 -6.73 6.76
CA VAL A 116 15.39 -5.51 7.57
C VAL A 116 14.91 -4.29 6.80
N PHE A 117 13.96 -3.58 7.39
CA PHE A 117 13.31 -2.46 6.71
C PHE A 117 13.30 -1.24 7.59
N GLU A 118 13.08 -0.09 6.99
CA GLU A 118 12.87 1.15 7.84
C GLU A 118 11.60 0.98 8.69
N TYR A 119 11.58 1.60 9.86
CA TYR A 119 10.45 1.55 10.75
C TYR A 119 9.46 2.68 10.45
N MET A 120 8.17 2.42 10.46
CA MET A 120 7.13 3.36 10.02
C MET A 120 6.22 3.45 11.19
N ARG A 121 6.44 4.46 11.95
CA ARG A 121 5.83 4.61 13.26
C ARG A 121 4.33 4.56 13.44
N HIS A 122 3.55 5.04 12.48
CA HIS A 122 2.12 5.09 12.59
C HIS A 122 1.37 3.85 12.10
N GLY A 123 2.07 2.87 11.58
CA GLY A 123 1.40 1.65 11.11
C GLY A 123 0.76 1.85 9.74
N ASP A 124 -0.26 1.05 9.46
CA ASP A 124 -0.77 1.00 8.11
C ASP A 124 -1.70 2.17 7.85
N LEU A 125 -1.74 2.59 6.61
CA LEU A 125 -2.52 3.73 6.27
C LEU A 125 -4.00 3.58 6.52
N ASN A 126 -4.55 2.36 6.41
CA ASN A 126 -5.98 2.22 6.63
C ASN A 126 -6.34 2.60 8.10
N ARG A 127 -5.55 2.09 9.01
CA ARG A 127 -5.77 2.31 10.42
C ARG A 127 -5.51 3.77 10.74
N PHE A 128 -4.49 4.34 10.12
CA PHE A 128 -4.23 5.77 10.28
C PHE A 128 -5.35 6.66 9.80
N LEU A 129 -5.98 6.31 8.67
CA LEU A 129 -7.09 7.11 8.21
C LEU A 129 -8.24 7.01 9.18
N ARG A 130 -8.55 5.81 9.59
CA ARG A 130 -9.73 5.58 10.47
C ARG A 130 -9.56 6.27 11.80
N SER A 131 -8.35 6.25 12.32
CA SER A 131 -8.10 6.91 13.59
C SER A 131 -7.98 8.48 13.52
N HIS A 132 -7.92 9.08 12.31
CA HIS A 132 -7.92 10.50 12.14
C HIS A 132 -9.13 10.95 11.35
N GLY A 133 -10.20 10.17 11.40
CA GLY A 133 -11.39 10.51 10.68
C GLY A 133 -12.54 11.01 11.59
N PRO A 134 -13.66 11.43 10.97
CA PRO A 134 -14.79 11.94 11.68
C PRO A 134 -15.39 10.96 12.66
N ASP A 135 -15.10 9.67 12.63
CA ASP A 135 -15.55 8.77 13.68
C ASP A 135 -14.51 8.41 14.72
N ALA A 136 -13.35 9.03 14.70
CA ALA A 136 -12.34 8.71 15.72
C ALA A 136 -12.81 9.17 17.16
N LYS A 137 -12.36 8.42 18.18
CA LYS A 137 -12.37 8.84 19.61
C LYS A 137 -11.55 10.17 19.81
N LEU A 138 -10.22 10.06 19.87
CA LEU A 138 -9.33 11.20 20.13
C LEU A 138 -9.05 11.86 18.78
N LEU A 139 -9.33 13.16 18.65
CA LEU A 139 -8.82 13.93 17.50
C LEU A 139 -8.04 15.14 18.04
N ALA A 140 -7.16 14.90 18.98
CA ALA A 140 -6.35 15.93 19.56
C ALA A 140 -5.21 16.24 18.59
N GLY A 141 -4.69 17.45 18.62
CA GLY A 141 -3.57 17.77 17.73
C GLY A 141 -2.36 17.06 18.27
N GLY A 142 -1.40 16.72 17.43
CA GLY A 142 -0.19 16.10 17.92
C GLY A 142 0.94 16.42 17.01
N GLU A 143 1.90 15.53 17.00
CA GLU A 143 3.15 15.79 16.30
C GLU A 143 2.96 16.04 14.84
N ASP A 144 2.10 15.24 14.21
CA ASP A 144 2.10 15.15 12.73
C ASP A 144 0.81 15.62 12.15
N VAL A 145 -0.20 15.74 13.00
CA VAL A 145 -1.54 16.03 12.58
C VAL A 145 -2.13 17.12 13.48
N ALA A 146 -2.87 18.05 12.88
CA ALA A 146 -3.67 19.03 13.57
C ALA A 146 -4.87 18.43 14.26
N PRO A 147 -5.54 19.22 15.10
CA PRO A 147 -6.65 18.67 15.85
C PRO A 147 -7.83 18.20 15.09
N GLY A 148 -8.25 18.70 14.00
CA GLY A 148 -9.54 17.84 13.65
C GLY A 148 -9.32 16.42 13.01
N PRO A 149 -10.32 15.97 12.28
CA PRO A 149 -10.08 14.99 11.22
C PRO A 149 -9.13 15.55 10.17
N LEU A 150 -8.42 14.73 9.43
CA LEU A 150 -7.51 15.26 8.42
C LEU A 150 -8.25 16.18 7.46
N GLY A 151 -7.62 17.29 7.09
CA GLY A 151 -8.27 18.22 6.15
C GLY A 151 -7.88 17.84 4.76
N LEU A 152 -8.41 18.62 3.83
CA LEU A 152 -8.32 18.38 2.41
C LEU A 152 -6.91 18.33 1.92
N GLY A 153 -6.15 19.33 2.32
CA GLY A 153 -4.77 19.42 1.91
C GLY A 153 -3.95 18.21 2.39
N GLN A 154 -4.28 17.67 3.53
CA GLN A 154 -3.58 16.47 4.08
C GLN A 154 -4.02 15.16 3.35
N LEU A 155 -5.32 15.01 3.09
CA LEU A 155 -5.83 13.86 2.29
C LEU A 155 -5.20 13.91 0.93
N LEU A 156 -5.03 15.14 0.40
CA LEU A 156 -4.37 15.24 -0.90
C LEU A 156 -2.90 14.88 -0.84
N ALA A 157 -2.21 15.22 0.25
CA ALA A 157 -0.79 14.92 0.33
C ALA A 157 -0.60 13.37 0.47
N VAL A 158 -1.44 12.70 1.25
CA VAL A 158 -1.45 11.21 1.37
C VAL A 158 -1.61 10.58 0.03
N ALA A 159 -2.60 11.04 -0.75
CA ALA A 159 -2.87 10.45 -2.06
C ALA A 159 -1.72 10.58 -3.06
N SER A 160 -1.17 11.76 -3.04
CA SER A 160 -0.07 12.10 -3.85
C SER A 160 1.18 11.22 -3.61
N GLN A 161 1.48 10.99 -2.35
CA GLN A 161 2.60 10.14 -1.98
C GLN A 161 2.37 8.71 -2.42
N VAL A 162 1.16 8.21 -2.26
CA VAL A 162 0.88 6.81 -2.73
C VAL A 162 1.00 6.80 -4.26
N ALA A 163 0.50 7.83 -4.90
CA ALA A 163 0.62 7.85 -6.35
C ALA A 163 2.07 7.92 -6.80
N ALA A 164 2.88 8.66 -6.09
CA ALA A 164 4.31 8.76 -6.42
C ALA A 164 5.03 7.43 -6.28
N GLY A 165 4.70 6.65 -5.26
CA GLY A 165 5.28 5.30 -5.17
C GLY A 165 4.90 4.47 -6.39
N MET A 166 3.66 4.64 -6.88
N MET A 166 3.67 4.65 -6.88
CA MET A 166 3.17 3.86 -8.02
CA MET A 166 3.17 3.84 -8.02
C MET A 166 3.80 4.28 -9.36
C MET A 166 3.76 4.28 -9.38
N VAL A 167 4.09 5.57 -9.53
CA VAL A 167 4.83 6.06 -10.71
C VAL A 167 6.20 5.36 -10.74
N TYR A 168 6.87 5.32 -9.59
CA TYR A 168 8.15 4.59 -9.50
C TYR A 168 8.01 3.12 -9.90
N LEU A 169 7.04 2.43 -9.34
CA LEU A 169 6.88 1.02 -9.69
C LEU A 169 6.60 0.90 -11.16
N ALA A 170 5.67 1.68 -11.72
CA ALA A 170 5.41 1.57 -13.21
C ALA A 170 6.69 1.86 -14.04
N GLY A 171 7.55 2.78 -13.58
CA GLY A 171 8.81 3.07 -14.26
C GLY A 171 9.73 1.88 -14.36
N LEU A 172 9.66 1.01 -13.35
CA LEU A 172 10.49 -0.17 -13.26
C LEU A 172 9.78 -1.46 -13.69
N HIS A 173 8.64 -1.34 -14.38
CA HIS A 173 7.86 -2.51 -14.84
C HIS A 173 7.33 -3.43 -13.72
N PHE A 174 7.21 -2.95 -12.50
CA PHE A 174 6.59 -3.74 -11.44
C PHE A 174 5.04 -3.54 -11.46
N VAL A 175 4.32 -4.58 -11.10
CA VAL A 175 2.92 -4.52 -10.90
C VAL A 175 2.64 -5.07 -9.50
N HIS A 176 1.87 -4.33 -8.72
CA HIS A 176 1.67 -4.67 -7.30
C HIS A 176 0.60 -5.73 -7.10
N ARG A 177 -0.56 -5.46 -7.70
CA ARG A 177 -1.75 -6.38 -7.69
C ARG A 177 -2.56 -6.42 -6.39
N ASP A 178 -2.04 -5.86 -5.28
CA ASP A 178 -2.86 -5.72 -4.05
C ASP A 178 -2.72 -4.29 -3.51
N LEU A 179 -2.81 -3.27 -4.38
CA LEU A 179 -2.77 -1.92 -3.88
C LEU A 179 -4.03 -1.57 -3.10
N ALA A 180 -3.82 -1.05 -1.92
CA ALA A 180 -4.87 -0.65 -0.99
C ALA A 180 -4.24 0.07 0.22
N THR A 181 -5.06 0.77 1.02
CA THR A 181 -4.48 1.55 2.10
C THR A 181 -3.87 0.67 3.17
N ARG A 182 -4.39 -0.54 3.37
CA ARG A 182 -3.76 -1.60 4.23
C ARG A 182 -2.36 -1.93 3.89
N ASN A 183 -2.02 -1.80 2.61
CA ASN A 183 -0.69 -2.09 2.08
C ASN A 183 0.20 -0.89 1.81
N CYS A 184 -0.07 0.16 2.55
CA CYS A 184 0.84 1.30 2.66
C CYS A 184 1.08 1.55 4.13
N LEU A 185 2.22 2.17 4.43
CA LEU A 185 2.57 2.50 5.78
C LEU A 185 2.87 4.01 5.93
N VAL A 186 2.66 4.48 7.16
CA VAL A 186 2.72 5.88 7.48
C VAL A 186 3.76 6.05 8.59
N GLY A 187 4.73 6.88 8.26
CA GLY A 187 5.81 7.21 9.15
C GLY A 187 5.73 8.60 9.72
N GLN A 188 6.73 8.87 10.53
CA GLN A 188 6.97 10.17 11.10
C GLN A 188 7.00 11.35 10.12
N GLY A 189 6.25 12.39 10.45
CA GLY A 189 6.06 13.50 9.53
C GLY A 189 4.94 13.27 8.55
N LEU A 190 4.14 12.25 8.77
CA LEU A 190 3.10 11.94 7.80
C LEU A 190 3.69 11.58 6.40
N VAL A 191 4.80 10.84 6.40
CA VAL A 191 5.34 10.27 5.18
C VAL A 191 4.62 8.94 4.90
N VAL A 192 4.06 8.84 3.71
CA VAL A 192 3.29 7.67 3.29
C VAL A 192 4.10 6.98 2.20
N LYS A 193 4.31 5.66 2.43
CA LYS A 193 5.04 4.79 1.50
C LYS A 193 4.30 3.48 1.26
N ILE A 194 4.52 2.91 0.11
CA ILE A 194 3.89 1.61 -0.26
C ILE A 194 4.74 0.46 0.40
N GLY A 195 4.09 -0.39 1.18
CA GLY A 195 4.73 -1.54 1.76
C GLY A 195 3.89 -2.28 2.76
N ASP A 196 4.22 -3.57 2.93
CA ASP A 196 3.51 -4.40 3.84
C ASP A 196 4.43 -5.60 4.24
N PHE A 197 4.12 -6.24 5.35
CA PHE A 197 4.93 -7.37 5.83
C PHE A 197 4.36 -8.75 5.50
N GLY A 198 3.45 -8.80 4.55
CA GLY A 198 2.93 -10.04 4.05
C GLY A 198 1.88 -10.68 4.90
N MET A 199 1.10 -9.92 5.64
CA MET A 199 0.13 -10.43 6.59
C MET A 199 -1.25 -9.75 6.42
N SER A 200 -1.44 -9.06 5.32
CA SER A 200 -2.71 -8.35 5.16
C SER A 200 -3.90 -9.28 5.07
N ARG A 201 -3.71 -10.46 4.47
CA ARG A 201 -4.78 -11.47 4.50
C ARG A 201 -5.10 -11.99 5.90
N ASP A 202 -4.17 -11.95 6.87
CA ASP A 202 -4.50 -12.35 8.28
C ASP A 202 -5.12 -11.22 9.04
N ILE A 203 -4.56 -10.01 8.89
CA ILE A 203 -5.06 -8.89 9.63
C ILE A 203 -6.35 -8.34 9.04
N TYR A 204 -6.54 -8.29 7.73
CA TYR A 204 -7.72 -7.67 7.12
C TYR A 204 -8.40 -8.67 6.20
N SER A 205 -8.74 -9.82 6.75
CA SER A 205 -9.20 -10.95 5.95
C SER A 205 -10.57 -10.64 5.36
N THR A 206 -11.33 -9.80 6.07
CA THR A 206 -12.56 -9.25 5.54
C THR A 206 -12.36 -8.46 4.21
N ASP A 207 -11.17 -7.97 3.85
CA ASP A 207 -11.03 -7.34 2.54
C ASP A 207 -10.73 -8.29 1.41
N TYR A 208 -10.80 -9.58 1.67
CA TYR A 208 -10.48 -10.59 0.65
C TYR A 208 -11.65 -11.55 0.48
N TYR A 209 -11.75 -12.08 -0.72
CA TYR A 209 -12.81 -13.03 -1.08
C TYR A 209 -12.11 -14.38 -1.32
N ARG A 210 -12.47 -15.36 -0.51
CA ARG A 210 -11.86 -16.66 -0.58
C ARG A 210 -12.59 -17.48 -1.62
N VAL A 211 -11.90 -17.78 -2.70
CA VAL A 211 -12.43 -18.63 -3.75
C VAL A 211 -11.90 -20.04 -3.58
N GLY A 212 -10.61 -20.23 -3.33
CA GLY A 212 -10.05 -21.56 -3.27
C GLY A 212 -10.30 -22.13 -1.90
N GLY A 213 -9.64 -23.24 -1.64
CA GLY A 213 -9.39 -23.62 -0.28
C GLY A 213 -8.50 -22.56 0.35
N ARG A 214 -7.46 -22.08 -0.36
CA ARG A 214 -6.59 -21.01 0.23
C ARG A 214 -6.48 -19.63 -0.51
N THR A 215 -7.00 -19.50 -1.73
CA THR A 215 -6.93 -18.26 -2.48
C THR A 215 -7.84 -17.17 -1.90
N MET A 216 -7.23 -16.00 -1.71
CA MET A 216 -7.88 -14.81 -1.17
C MET A 216 -7.62 -13.62 -2.07
N LEU A 217 -8.68 -13.16 -2.72
CA LEU A 217 -8.58 -12.15 -3.73
C LEU A 217 -9.11 -10.83 -3.19
N PRO A 218 -8.37 -9.72 -3.41
CA PRO A 218 -8.89 -8.39 -3.02
C PRO A 218 -9.92 -7.85 -4.07
N ILE A 219 -11.07 -8.54 -4.23
CA ILE A 219 -11.93 -8.26 -5.36
C ILE A 219 -12.45 -6.86 -5.33
N ARG A 220 -12.71 -6.29 -4.16
CA ARG A 220 -13.20 -4.87 -4.15
C ARG A 220 -12.25 -3.79 -4.70
N TRP A 221 -10.95 -4.10 -4.79
CA TRP A 221 -9.95 -3.22 -5.40
C TRP A 221 -9.61 -3.58 -6.88
N MET A 222 -10.23 -4.64 -7.40
CA MET A 222 -9.80 -5.20 -8.73
C MET A 222 -10.76 -4.77 -9.85
N PRO A 223 -10.23 -4.45 -11.02
CA PRO A 223 -11.04 -4.21 -12.21
C PRO A 223 -11.57 -5.54 -12.83
N PRO A 224 -12.57 -5.44 -13.74
CA PRO A 224 -13.19 -6.69 -14.27
C PRO A 224 -12.16 -7.61 -14.93
N GLU A 225 -11.20 -7.04 -15.66
CA GLU A 225 -10.25 -7.93 -16.34
C GLU A 225 -9.38 -8.73 -15.38
N SER A 226 -9.16 -8.20 -14.17
CA SER A 226 -8.30 -8.91 -13.20
C SER A 226 -9.14 -9.93 -12.51
N ILE A 227 -10.39 -9.57 -12.23
CA ILE A 227 -11.27 -10.53 -11.56
C ILE A 227 -11.58 -11.77 -12.47
N LEU A 228 -11.86 -11.51 -13.73
CA LEU A 228 -12.30 -12.57 -14.64
C LEU A 228 -11.18 -13.36 -15.31
N TYR A 229 -10.14 -12.68 -15.79
CA TYR A 229 -9.07 -13.33 -16.51
C TYR A 229 -7.75 -13.47 -15.70
N ARG A 230 -7.69 -12.94 -14.47
CA ARG A 230 -6.43 -12.85 -13.74
C ARG A 230 -5.40 -12.06 -14.57
N LYS A 231 -5.80 -11.03 -15.35
CA LYS A 231 -4.79 -10.18 -16.04
C LYS A 231 -4.43 -8.99 -15.12
N PHE A 232 -3.12 -8.71 -15.01
CA PHE A 232 -2.60 -7.68 -14.11
C PHE A 232 -1.60 -6.86 -14.84
N THR A 233 -1.84 -5.56 -14.94
CA THR A 233 -0.93 -4.68 -15.64
C THR A 233 -0.77 -3.39 -14.81
N THR A 234 0.01 -2.47 -15.35
CA THR A 234 0.03 -1.14 -14.76
C THR A 234 -1.37 -0.52 -14.72
N GLU A 235 -2.23 -0.97 -15.65
CA GLU A 235 -3.55 -0.42 -15.78
C GLU A 235 -4.51 -0.98 -14.74
N SER A 236 -4.40 -2.27 -14.35
CA SER A 236 -5.25 -2.75 -13.27
C SER A 236 -4.76 -2.09 -11.95
N ASP A 237 -3.46 -1.84 -11.85
CA ASP A 237 -2.97 -1.09 -10.67
C ASP A 237 -3.54 0.34 -10.58
N VAL A 238 -3.69 1.00 -11.75
CA VAL A 238 -4.32 2.31 -11.76
C VAL A 238 -5.74 2.26 -11.23
N TRP A 239 -6.49 1.19 -11.59
CA TRP A 239 -7.87 1.06 -11.17
C TRP A 239 -7.84 0.98 -9.64
N SER A 240 -6.94 0.15 -9.12
CA SER A 240 -6.81 0.00 -7.66
C SER A 240 -6.48 1.35 -6.98
N PHE A 241 -5.63 2.13 -7.64
CA PHE A 241 -5.29 3.42 -7.10
C PHE A 241 -6.53 4.32 -7.00
N GLY A 242 -7.36 4.31 -8.04
CA GLY A 242 -8.70 4.95 -7.93
C GLY A 242 -9.46 4.54 -6.67
N VAL A 243 -9.50 3.24 -6.42
CA VAL A 243 -10.14 2.72 -5.19
C VAL A 243 -9.41 3.21 -3.92
N VAL A 244 -8.09 3.18 -3.91
CA VAL A 244 -7.31 3.84 -2.81
C VAL A 244 -7.73 5.30 -2.52
N LEU A 245 -7.87 6.08 -3.60
CA LEU A 245 -8.34 7.46 -3.51
C LEU A 245 -9.68 7.57 -2.80
N TRP A 246 -10.60 6.67 -3.17
CA TRP A 246 -11.86 6.58 -2.52
C TRP A 246 -11.68 6.19 -1.03
N GLU A 247 -10.84 5.20 -0.74
CA GLU A 247 -10.55 4.90 0.68
C GLU A 247 -9.98 6.16 1.41
N ILE A 248 -9.10 6.92 0.78
CA ILE A 248 -8.49 8.09 1.53
C ILE A 248 -9.59 9.12 1.85
N PHE A 249 -10.40 9.45 0.85
CA PHE A 249 -11.49 10.43 1.02
C PHE A 249 -12.72 10.03 1.81
N THR A 250 -12.71 8.82 2.28
CA THR A 250 -13.78 8.20 3.09
C THR A 250 -13.17 7.92 4.47
N TYR A 251 -11.90 8.31 4.68
CA TYR A 251 -11.29 8.00 5.96
C TYR A 251 -11.27 6.51 6.27
N GLY A 252 -11.02 5.73 5.23
CA GLY A 252 -10.66 4.32 5.39
C GLY A 252 -11.80 3.37 5.29
N LYS A 253 -12.97 3.83 4.87
CA LYS A 253 -14.09 2.89 4.66
C LYS A 253 -13.82 1.80 3.61
N GLN A 254 -14.41 0.64 3.83
CA GLN A 254 -14.31 -0.45 2.84
C GLN A 254 -15.12 -0.12 1.62
N PRO A 255 -14.53 -0.16 0.40
CA PRO A 255 -15.35 0.03 -0.80
C PRO A 255 -16.53 -0.96 -0.87
N TRP A 256 -17.67 -0.45 -1.31
CA TRP A 256 -18.85 -1.31 -1.39
C TRP A 256 -19.23 -1.94 -0.07
N TYR A 257 -19.02 -1.23 1.04
CA TYR A 257 -19.16 -1.80 2.38
C TYR A 257 -20.59 -2.30 2.64
N GLN A 258 -21.55 -1.76 1.93
CA GLN A 258 -22.97 -2.20 2.03
C GLN A 258 -23.19 -3.66 1.47
N LEU A 259 -22.25 -4.16 0.67
CA LEU A 259 -22.41 -5.31 -0.19
C LEU A 259 -21.53 -6.48 0.22
N SER A 260 -22.01 -7.68 -0.03
CA SER A 260 -21.23 -8.93 0.15
C SER A 260 -20.22 -8.95 -1.00
N ASN A 261 -19.33 -9.90 -0.93
CA ASN A 261 -18.31 -10.05 -1.94
C ASN A 261 -18.89 -10.27 -3.32
N THR A 262 -19.91 -11.13 -3.40
CA THR A 262 -20.43 -11.51 -4.73
C THR A 262 -21.19 -10.36 -5.26
N GLU A 263 -21.96 -9.69 -4.40
CA GLU A 263 -22.63 -8.45 -4.88
C GLU A 263 -21.67 -7.38 -5.39
N ALA A 264 -20.53 -7.24 -4.73
CA ALA A 264 -19.56 -6.30 -5.24
C ALA A 264 -19.09 -6.72 -6.62
N ILE A 265 -18.77 -7.99 -6.79
CA ILE A 265 -18.43 -8.51 -8.13
C ILE A 265 -19.49 -8.14 -9.16
N ASP A 266 -20.74 -8.31 -8.77
CA ASP A 266 -21.91 -7.94 -9.59
C ASP A 266 -21.90 -6.44 -9.97
N CYS A 267 -21.78 -5.57 -8.97
CA CYS A 267 -21.48 -4.12 -9.24
C CYS A 267 -20.30 -3.82 -10.14
N ILE A 268 -19.15 -4.38 -9.79
CA ILE A 268 -17.97 -4.05 -10.57
C ILE A 268 -18.17 -4.48 -12.02
N THR A 269 -18.65 -5.71 -12.17
CA THR A 269 -18.89 -6.23 -13.50
C THR A 269 -19.88 -5.52 -14.38
N GLN A 270 -21.01 -5.17 -13.80
CA GLN A 270 -21.99 -4.30 -14.51
C GLN A 270 -21.42 -2.94 -14.88
N GLY A 271 -20.30 -2.47 -14.32
CA GLY A 271 -19.84 -1.09 -14.61
C GLY A 271 -20.32 0.00 -13.64
N ARG A 272 -20.91 -0.35 -12.51
CA ARG A 272 -21.22 0.64 -11.50
C ARG A 272 -19.93 1.14 -10.83
N GLU A 273 -19.94 2.39 -10.38
CA GLU A 273 -18.80 3.09 -9.82
C GLU A 273 -19.11 3.45 -8.41
N LEU A 274 -18.13 3.38 -7.53
CA LEU A 274 -18.33 3.95 -6.17
C LEU A 274 -18.76 5.44 -6.25
N GLU A 275 -19.54 5.86 -5.29
CA GLU A 275 -20.11 7.21 -5.27
C GLU A 275 -19.10 8.17 -4.72
N ARG A 276 -19.28 9.44 -5.04
CA ARG A 276 -18.36 10.46 -4.53
C ARG A 276 -18.44 10.51 -3.00
N PRO A 277 -17.32 10.34 -2.29
CA PRO A 277 -17.36 10.53 -0.83
C PRO A 277 -17.71 11.98 -0.46
N ARG A 278 -18.26 12.21 0.72
CA ARG A 278 -18.62 13.54 1.20
C ARG A 278 -17.42 14.49 1.26
N ALA A 279 -16.25 14.01 1.71
CA ALA A 279 -15.04 14.85 1.78
C ALA A 279 -14.31 15.05 0.47
N CYS A 280 -14.80 14.42 -0.59
CA CYS A 280 -14.19 14.46 -1.95
C CYS A 280 -14.74 15.61 -2.85
N PRO A 281 -13.91 16.58 -3.21
CA PRO A 281 -14.33 17.54 -4.19
C PRO A 281 -14.56 16.95 -5.56
N PRO A 282 -15.45 17.56 -6.35
CA PRO A 282 -15.65 17.04 -7.70
C PRO A 282 -14.41 16.91 -8.56
N GLU A 283 -13.46 17.78 -8.40
CA GLU A 283 -12.22 17.69 -9.13
C GLU A 283 -11.51 16.38 -8.80
N VAL A 284 -11.51 16.01 -7.53
CA VAL A 284 -10.82 14.77 -7.12
C VAL A 284 -11.62 13.54 -7.60
N TYR A 285 -12.94 13.59 -7.49
CA TYR A 285 -13.77 12.50 -8.07
C TYR A 285 -13.57 12.18 -9.55
N ALA A 286 -13.32 13.22 -10.34
CA ALA A 286 -13.02 13.06 -11.75
C ALA A 286 -11.74 12.24 -11.96
N ILE A 287 -10.76 12.49 -11.10
CA ILE A 287 -9.56 11.68 -11.07
C ILE A 287 -9.88 10.21 -10.78
N MET A 288 -10.60 9.95 -9.72
CA MET A 288 -11.02 8.55 -9.46
C MET A 288 -11.64 7.93 -10.70
N ARG A 289 -12.58 8.68 -11.31
CA ARG A 289 -13.32 8.15 -12.47
C ARG A 289 -12.42 7.90 -13.59
N GLY A 290 -11.39 8.67 -13.74
CA GLY A 290 -10.54 8.32 -14.94
C GLY A 290 -9.72 7.07 -14.72
N CYS A 291 -9.62 6.60 -13.44
CA CYS A 291 -8.93 5.36 -13.15
C CYS A 291 -9.87 4.16 -13.36
N TRP A 292 -11.17 4.40 -13.36
CA TRP A 292 -12.20 3.35 -13.46
C TRP A 292 -12.84 3.15 -14.81
N GLN A 293 -12.19 3.51 -15.90
CA GLN A 293 -12.66 3.11 -17.22
C GLN A 293 -12.63 1.60 -17.33
N ARG A 294 -13.69 1.04 -17.91
CA ARG A 294 -13.77 -0.41 -18.15
C ARG A 294 -12.64 -0.87 -19.08
N GLU A 295 -12.36 -0.13 -20.12
CA GLU A 295 -11.28 -0.52 -21.04
C GLU A 295 -9.93 -0.06 -20.41
N PRO A 296 -9.06 -1.03 -20.15
CA PRO A 296 -7.73 -0.70 -19.58
C PRO A 296 -6.95 0.39 -20.31
N GLN A 297 -6.94 0.40 -21.62
CA GLN A 297 -6.23 1.47 -22.34
C GLN A 297 -6.89 2.83 -22.26
N GLN A 298 -8.15 2.91 -21.79
CA GLN A 298 -8.76 4.20 -21.57
C GLN A 298 -8.43 4.84 -20.22
N ARG A 299 -7.79 4.12 -19.30
CA ARG A 299 -7.60 4.62 -17.93
C ARG A 299 -6.51 5.68 -17.97
N HIS A 300 -6.60 6.68 -17.14
CA HIS A 300 -5.44 7.59 -16.97
C HIS A 300 -4.14 6.86 -16.62
N SER A 301 -3.06 7.49 -17.01
CA SER A 301 -1.73 7.09 -16.71
C SER A 301 -1.45 7.50 -15.27
N ILE A 302 -0.77 6.66 -14.47
CA ILE A 302 -0.41 7.05 -13.10
C ILE A 302 0.46 8.34 -13.05
N LYS A 303 1.31 8.59 -14.06
CA LYS A 303 2.18 9.84 -14.08
C LYS A 303 1.31 11.10 -14.08
N ASP A 304 0.17 11.03 -14.79
CA ASP A 304 -0.81 12.13 -14.87
C ASP A 304 -1.65 12.22 -13.60
N VAL A 305 -2.12 11.12 -13.06
CA VAL A 305 -2.76 11.12 -11.73
C VAL A 305 -1.81 11.70 -10.68
N HIS A 306 -0.57 11.23 -10.62
CA HIS A 306 0.38 11.82 -9.66
C HIS A 306 0.46 13.35 -9.82
N ALA A 307 0.80 13.75 -11.04
CA ALA A 307 0.92 15.22 -11.40
C ALA A 307 -0.28 16.03 -10.95
N ARG A 308 -1.50 15.60 -11.22
CA ARG A 308 -2.68 16.35 -10.77
C ARG A 308 -2.84 16.38 -9.29
N LEU A 309 -2.69 15.21 -8.62
CA LEU A 309 -2.88 15.18 -7.16
C LEU A 309 -1.83 16.02 -6.47
N GLN A 310 -0.59 15.92 -6.92
CA GLN A 310 0.46 16.66 -6.20
C GLN A 310 0.22 18.19 -6.36
N ALA A 311 -0.12 18.59 -7.61
CA ALA A 311 -0.48 19.99 -7.91
C ALA A 311 -1.64 20.45 -7.03
N LEU A 312 -2.64 19.60 -6.85
CA LEU A 312 -3.68 19.99 -5.91
C LEU A 312 -3.25 20.08 -4.49
N ALA A 313 -2.42 19.13 -4.04
CA ALA A 313 -1.91 19.15 -2.63
C ALA A 313 -1.13 20.45 -2.29
N GLN A 314 -0.43 20.96 -3.29
CA GLN A 314 0.33 22.19 -3.20
C GLN A 314 -0.44 23.44 -3.70
N ALA A 315 -1.74 23.34 -3.98
CA ALA A 315 -2.54 24.53 -4.36
C ALA A 315 -2.72 25.55 -3.20
N PRO A 316 -2.96 26.82 -3.52
CA PRO A 316 -3.19 27.78 -2.43
C PRO A 316 -4.33 27.37 -1.51
N PRO A 317 -4.19 27.57 -0.23
CA PRO A 317 -5.31 27.27 0.69
C PRO A 317 -6.61 28.00 0.39
N VAL A 318 -6.50 29.21 -0.14
CA VAL A 318 -7.68 29.95 -0.55
C VAL A 318 -8.52 29.15 -1.62
N TYR A 319 -7.84 28.48 -2.54
CA TYR A 319 -8.48 27.67 -3.59
C TYR A 319 -9.06 26.35 -2.95
N LEU A 320 -8.25 25.71 -2.15
CA LEU A 320 -8.64 24.43 -1.52
C LEU A 320 -9.73 24.64 -0.56
N ASP A 321 -9.70 25.74 0.20
CA ASP A 321 -10.84 26.07 1.10
C ASP A 321 -12.18 26.11 0.42
N VAL A 322 -12.22 26.27 -0.89
CA VAL A 322 -13.47 26.51 -1.54
C VAL A 322 -13.84 25.35 -2.47
N LEU A 323 -13.02 24.30 -2.54
CA LEU A 323 -13.37 23.08 -3.30
C LEU A 323 -14.45 22.21 -2.61
N GLY A 324 -15.36 21.65 -3.40
#